data_4YY5
#
_entry.id   4YY5
#
_cell.length_a   40.184
_cell.length_b   40.184
_cell.length_c   217.676
_cell.angle_alpha   90.000
_cell.angle_beta   90.000
_cell.angle_gamma   90.000
#
_symmetry.space_group_name_H-M   'P 43 21 2'
#
loop_
_entity.id
_entity.type
_entity.pdbx_description
1 polymer dTor_3x33L
2 water water
#
_entity_poly.entity_id   1
_entity_poly.type   'polypeptide(L)'
_entity_poly.pdbx_seq_one_letter_code
;GKSPTEVLLELIAEASGTTREEVKEKFLKELRKGKSPTEVLLELIAEASGTTKEEVKEKFLKELSFGKSPTEVLLELIAE
ASGTTKEEVKKKFWKELSL
;
_entity_poly.pdbx_strand_id   A,B
#
# COMPACT_ATOMS: atom_id res chain seq x y z
N LYS A 2 2.88 18.80 -18.00
CA LYS A 2 3.62 17.80 -17.09
C LYS A 2 2.77 16.69 -16.55
N SER A 3 3.41 15.65 -16.14
CA SER A 3 2.73 14.48 -15.63
C SER A 3 2.60 14.45 -14.10
N PRO A 4 1.56 13.79 -13.55
CA PRO A 4 1.46 13.81 -12.07
C PRO A 4 2.71 13.27 -11.35
N THR A 5 3.21 12.16 -11.82
CA THR A 5 4.44 11.62 -11.26
C THR A 5 5.61 12.59 -11.35
N GLU A 6 5.80 13.16 -12.53
CA GLU A 6 6.88 14.13 -12.69
C GLU A 6 6.72 15.24 -11.65
N VAL A 7 5.53 15.77 -11.52
CA VAL A 7 5.34 16.85 -10.59
C VAL A 7 5.67 16.33 -9.19
N LEU A 8 5.15 15.16 -8.82
CA LEU A 8 5.41 14.66 -7.48
C LEU A 8 6.95 14.60 -7.19
N LEU A 9 7.74 14.16 -8.18
CA LEU A 9 9.16 14.06 -7.97
C LEU A 9 9.74 15.42 -7.76
N GLU A 10 9.24 16.40 -8.46
CA GLU A 10 9.80 17.73 -8.32
C GLU A 10 9.50 18.22 -6.95
N LEU A 11 8.35 17.86 -6.42
CA LEU A 11 7.95 18.34 -5.09
C LEU A 11 8.77 17.65 -3.99
N ILE A 12 8.98 16.36 -4.19
CA ILE A 12 9.83 15.57 -3.30
C ILE A 12 11.26 16.12 -3.33
N ALA A 13 11.76 16.51 -4.51
CA ALA A 13 13.14 16.99 -4.62
C ALA A 13 13.27 18.19 -3.71
N GLU A 14 12.33 19.11 -3.85
CA GLU A 14 12.31 20.33 -3.03
C GLU A 14 12.15 20.02 -1.59
N ALA A 15 11.27 19.10 -1.27
CA ALA A 15 11.14 18.71 0.12
C ALA A 15 12.48 18.24 0.73
N SER A 16 13.21 17.40 0.00
CA SER A 16 14.44 16.77 0.46
C SER A 16 15.49 17.78 0.68
N GLY A 17 15.46 18.75 -0.24
CA GLY A 17 16.47 19.77 -0.40
C GLY A 17 17.49 19.30 -1.41
N THR A 18 17.08 18.41 -2.33
CA THR A 18 17.96 17.84 -3.36
C THR A 18 17.51 18.21 -4.81
N THR A 19 18.26 17.70 -5.81
CA THR A 19 18.00 17.88 -7.27
C THR A 19 16.87 17.05 -7.90
N ARG A 20 16.19 17.63 -8.88
CA ARG A 20 15.16 16.90 -9.66
C ARG A 20 15.75 15.65 -10.23
N GLU A 21 16.99 15.79 -10.72
CA GLU A 21 17.76 14.74 -11.40
C GLU A 21 18.26 13.67 -10.45
N GLU A 22 18.64 14.05 -9.22
CA GLU A 22 19.02 13.05 -8.23
C GLU A 22 17.83 12.11 -7.93
N VAL A 23 16.66 12.72 -7.87
CA VAL A 23 15.43 12.07 -7.47
C VAL A 23 14.88 11.26 -8.62
N LYS A 24 14.99 11.80 -9.84
CA LYS A 24 14.53 11.03 -11.04
C LYS A 24 15.46 9.87 -11.13
N GLU A 25 16.73 10.03 -10.82
CA GLU A 25 17.59 8.89 -10.94
C GLU A 25 17.26 7.84 -9.89
N LYS A 26 16.96 8.27 -8.67
CA LYS A 26 16.56 7.26 -7.64
C LYS A 26 15.29 6.54 -8.04
N PHE A 27 14.37 7.36 -8.54
CA PHE A 27 13.10 6.87 -8.98
C PHE A 27 13.32 5.73 -9.97
N LEU A 28 14.05 6.00 -11.01
CA LEU A 28 14.29 5.01 -12.05
C LEU A 28 14.98 3.77 -11.54
N LYS A 29 16.05 3.95 -10.71
CA LYS A 29 16.75 2.82 -10.09
C LYS A 29 15.71 1.84 -9.49
N GLU A 30 14.91 2.36 -8.60
CA GLU A 30 13.98 1.52 -7.90
C GLU A 30 12.91 0.87 -8.85
N LEU A 31 12.39 1.67 -9.78
CA LEU A 31 11.35 1.23 -10.71
C LEU A 31 11.79 0.03 -11.52
N ARG A 32 13.07 0.03 -11.87
CA ARG A 32 13.74 -1.08 -12.56
C ARG A 32 13.92 -2.40 -11.79
N LYS A 33 13.75 -2.33 -10.48
CA LYS A 33 13.74 -3.51 -9.60
C LYS A 33 12.28 -4.07 -9.51
N GLY A 34 11.35 -3.41 -10.23
CA GLY A 34 9.97 -3.85 -10.37
C GLY A 34 8.94 -3.17 -9.47
N LYS A 35 9.35 -2.13 -8.77
CA LYS A 35 8.47 -1.59 -7.79
C LYS A 35 7.53 -0.67 -8.51
N SER A 36 6.31 -0.53 -7.98
CA SER A 36 5.32 0.36 -8.53
C SER A 36 5.70 1.80 -8.19
N PRO A 37 5.46 2.73 -9.09
CA PRO A 37 5.72 4.17 -8.90
C PRO A 37 5.22 4.72 -7.59
N THR A 38 4.08 4.27 -7.14
CA THR A 38 3.58 4.72 -5.86
C THR A 38 4.46 4.26 -4.72
N GLU A 39 4.83 2.99 -4.73
CA GLU A 39 5.73 2.46 -3.70
C GLU A 39 7.03 3.24 -3.61
N VAL A 40 7.57 3.51 -4.78
CA VAL A 40 8.84 4.17 -4.92
C VAL A 40 8.67 5.59 -4.39
N LEU A 41 7.53 6.17 -4.72
CA LEU A 41 7.29 7.54 -4.31
C LEU A 41 7.22 7.63 -2.80
N LEU A 42 6.59 6.62 -2.21
CA LEU A 42 6.52 6.60 -0.76
C LEU A 42 7.92 6.46 -0.15
N GLU A 43 8.76 5.66 -0.80
CA GLU A 43 10.14 5.47 -0.35
C GLU A 43 10.89 6.78 -0.42
N LEU A 44 10.74 7.46 -1.53
CA LEU A 44 11.46 8.68 -1.66
C LEU A 44 10.96 9.65 -0.66
N ILE A 45 9.68 9.62 -0.36
CA ILE A 45 9.12 10.53 0.69
C ILE A 45 9.68 10.23 2.05
N ALA A 46 9.84 8.95 2.35
CA ALA A 46 10.47 8.49 3.60
C ALA A 46 11.86 9.09 3.79
N GLU A 47 12.66 9.06 2.74
CA GLU A 47 13.97 9.70 2.76
C GLU A 47 13.94 11.22 2.88
N ALA A 48 12.95 11.83 2.29
CA ALA A 48 12.79 13.28 2.43
C ALA A 48 12.38 13.66 3.87
N SER A 49 11.66 12.76 4.53
CA SER A 49 11.20 12.95 5.91
C SER A 49 12.05 12.26 6.97
N GLY A 50 12.97 11.42 6.56
CA GLY A 50 13.83 10.68 7.50
C GLY A 50 13.09 9.77 8.45
N THR A 51 12.14 9.06 7.91
CA THR A 51 11.39 8.13 8.68
C THR A 51 11.62 6.84 7.97
N THR A 52 11.06 5.78 8.48
CA THR A 52 11.29 4.47 7.86
C THR A 52 10.28 4.28 6.71
N LYS A 53 10.67 3.56 5.68
CA LYS A 53 9.73 3.19 4.63
C LYS A 53 8.43 2.56 5.15
N GLU A 54 8.51 1.58 6.02
CA GLU A 54 7.29 1.04 6.67
C GLU A 54 6.44 2.18 7.16
N GLU A 55 7.04 3.00 7.97
CA GLU A 55 6.28 3.98 8.70
C GLU A 55 5.43 4.79 7.76
N VAL A 56 6.01 5.21 6.64
CA VAL A 56 5.29 5.99 5.65
C VAL A 56 4.29 5.14 4.90
N LYS A 57 4.65 3.91 4.59
CA LYS A 57 3.69 3.02 3.97
C LYS A 57 2.49 2.85 4.87
N GLU A 58 2.70 2.55 6.15
CA GLU A 58 1.59 2.39 7.07
C GLU A 58 0.75 3.60 6.96
N LYS A 59 1.37 4.75 7.09
CA LYS A 59 0.62 5.96 7.18
C LYS A 59 -0.18 6.26 5.91
N PHE A 60 0.36 6.00 4.75
CA PHE A 60 -0.39 6.15 3.52
C PHE A 60 -1.67 5.32 3.60
N LEU A 61 -1.53 4.10 4.11
CA LEU A 61 -2.63 3.18 4.21
C LEU A 61 -3.65 3.57 5.28
N LYS A 62 -3.25 4.19 6.39
CA LYS A 62 -4.27 4.65 7.38
C LYS A 62 -5.14 5.73 6.66
N GLU A 63 -4.48 6.63 5.91
CA GLU A 63 -5.17 7.72 5.23
C GLU A 63 -6.10 7.22 4.11
N LEU A 64 -5.54 6.35 3.28
CA LEU A 64 -6.28 5.78 2.17
C LEU A 64 -7.56 5.14 2.69
N SER A 65 -7.41 4.39 3.76
CA SER A 65 -8.51 3.73 4.44
C SER A 65 -9.57 4.70 4.97
N PHE A 66 -9.15 5.84 5.48
CA PHE A 66 -10.11 6.89 5.86
C PHE A 66 -10.93 7.44 4.66
N GLY A 67 -10.70 6.95 3.44
CA GLY A 67 -11.49 7.37 2.27
C GLY A 67 -10.81 8.40 1.35
N LYS A 68 -9.55 8.68 1.62
CA LYS A 68 -8.77 9.67 0.84
C LYS A 68 -8.19 8.95 -0.35
N SER A 69 -7.78 9.70 -1.39
CA SER A 69 -7.12 9.10 -2.60
C SER A 69 -5.57 9.09 -2.54
N PRO A 70 -4.94 8.21 -3.33
CA PRO A 70 -3.48 8.26 -3.33
C PRO A 70 -2.82 9.61 -3.58
N THR A 71 -3.34 10.41 -4.50
CA THR A 71 -2.66 11.66 -4.90
C THR A 71 -2.74 12.67 -3.74
N GLU A 72 -3.94 12.72 -3.20
CA GLU A 72 -4.17 13.53 -2.02
C GLU A 72 -3.21 13.21 -0.87
N VAL A 73 -3.14 11.93 -0.56
CA VAL A 73 -2.32 11.46 0.54
C VAL A 73 -0.81 11.76 0.26
N LEU A 74 -0.41 11.49 -0.98
CA LEU A 74 0.98 11.71 -1.32
C LEU A 74 1.36 13.17 -1.15
N LEU A 75 0.47 14.02 -1.60
CA LEU A 75 0.61 15.46 -1.42
C LEU A 75 0.69 15.91 0.03
N GLU A 76 -0.08 15.26 0.87
CA GLU A 76 -0.06 15.53 2.33
C GLU A 76 1.26 15.09 2.99
N LEU A 77 1.63 13.86 2.65
CA LEU A 77 2.88 13.25 3.05
C LEU A 77 4.10 14.10 2.63
N ILE A 78 4.01 14.69 1.44
CA ILE A 78 5.07 15.56 0.96
C ILE A 78 5.15 16.83 1.79
N ALA A 79 4.00 17.42 2.10
CA ALA A 79 3.95 18.65 2.92
C ALA A 79 4.55 18.39 4.31
N GLU A 80 4.20 17.25 4.90
CA GLU A 80 4.76 16.93 6.17
C GLU A 80 6.28 16.92 6.06
N ALA A 81 6.79 16.21 5.05
CA ALA A 81 8.24 16.04 4.84
C ALA A 81 8.97 17.34 4.72
N SER A 82 8.31 18.31 4.09
CA SER A 82 8.89 19.64 3.95
C SER A 82 8.46 20.57 5.07
N GLY A 83 7.52 20.14 5.91
CA GLY A 83 7.05 20.94 7.04
C GLY A 83 6.24 22.16 6.61
N THR A 84 5.49 22.02 5.52
CA THR A 84 4.57 23.06 5.04
C THR A 84 3.09 22.56 5.12
N THR A 85 2.24 23.31 4.41
CA THR A 85 0.79 23.15 4.44
C THR A 85 0.26 22.23 3.34
N LYS A 86 -0.58 21.25 3.72
CA LYS A 86 -1.24 20.36 2.74
C LYS A 86 -1.83 21.17 1.62
N GLU A 87 -2.57 22.19 2.02
CA GLU A 87 -3.11 23.22 1.14
C GLU A 87 -2.03 23.85 0.18
N GLU A 88 -0.80 23.96 0.65
CA GLU A 88 0.22 24.67 -0.13
C GLU A 88 0.90 23.85 -1.25
N VAL A 89 1.13 22.62 -0.91
CA VAL A 89 1.71 21.69 -1.82
C VAL A 89 0.67 21.28 -2.91
N LYS A 90 -0.56 20.99 -2.46
CA LYS A 90 -1.72 20.74 -3.36
C LYS A 90 -1.79 21.84 -4.45
N LYS A 91 -1.54 23.07 -4.04
CA LYS A 91 -1.55 24.21 -4.93
C LYS A 91 -0.43 24.25 -5.96
N LYS A 92 0.79 24.11 -5.50
CA LYS A 92 1.92 23.95 -6.40
C LYS A 92 1.69 22.82 -7.40
N PHE A 93 1.10 21.72 -6.93
CA PHE A 93 0.82 20.55 -7.76
C PHE A 93 -0.06 20.80 -8.95
N TRP A 94 -1.16 21.50 -8.71
CA TRP A 94 -2.14 21.83 -9.76
C TRP A 94 -1.61 22.94 -10.65
N LYS A 95 -0.86 23.88 -10.05
CA LYS A 95 -0.16 24.96 -10.83
C LYS A 95 0.79 24.37 -11.88
N GLU A 96 1.60 23.40 -11.46
CA GLU A 96 2.60 22.71 -12.29
C GLU A 96 2.03 21.71 -13.22
N LEU A 97 0.80 21.26 -12.99
CA LEU A 97 0.23 20.15 -13.75
C LEU A 97 -0.50 20.60 -15.01
N SER A 98 -1.12 21.78 -14.98
CA SER A 98 -1.72 22.32 -16.19
C SER A 98 -2.28 23.76 -16.00
N GLY B 1 -9.97 5.47 -5.36
CA GLY B 1 -10.42 4.19 -6.04
C GLY B 1 -9.64 2.96 -5.59
N LYS B 2 -10.33 1.98 -5.03
CA LYS B 2 -9.72 0.67 -4.65
C LYS B 2 -9.03 0.68 -3.30
N SER B 3 -9.65 0.12 -2.29
CA SER B 3 -9.10 0.19 -0.95
C SER B 3 -8.04 -0.86 -0.77
N PRO B 4 -7.18 -0.69 0.24
CA PRO B 4 -6.31 -1.79 0.58
C PRO B 4 -7.09 -3.08 0.81
N THR B 5 -8.22 -3.02 1.51
CA THR B 5 -9.05 -4.22 1.66
C THR B 5 -9.53 -4.78 0.36
N GLU B 6 -10.04 -3.91 -0.51
CA GLU B 6 -10.43 -4.43 -1.82
C GLU B 6 -9.25 -5.18 -2.52
N VAL B 7 -8.10 -4.55 -2.55
CA VAL B 7 -6.93 -5.20 -3.16
C VAL B 7 -6.61 -6.53 -2.46
N LEU B 8 -6.67 -6.57 -1.15
CA LEU B 8 -6.33 -7.81 -0.43
C LEU B 8 -7.25 -8.89 -0.96
N LEU B 9 -8.53 -8.55 -1.13
CA LEU B 9 -9.54 -9.52 -1.65
C LEU B 9 -9.18 -10.01 -3.06
N GLU B 10 -8.73 -9.10 -3.87
CA GLU B 10 -8.30 -9.52 -5.19
C GLU B 10 -7.07 -10.43 -5.15
N LEU B 11 -6.17 -10.20 -4.24
CA LEU B 11 -4.98 -11.05 -4.10
C LEU B 11 -5.33 -12.42 -3.52
N ILE B 12 -6.23 -12.41 -2.55
CA ILE B 12 -6.74 -13.63 -2.03
C ILE B 12 -7.41 -14.42 -3.16
N ALA B 13 -8.13 -13.76 -4.06
CA ALA B 13 -8.81 -14.51 -5.10
C ALA B 13 -7.74 -15.24 -5.89
N GLU B 14 -6.73 -14.47 -6.33
CA GLU B 14 -5.60 -14.96 -7.13
C GLU B 14 -4.86 -16.09 -6.49
N ALA B 15 -4.72 -16.02 -5.19
CA ALA B 15 -4.07 -17.07 -4.43
C ALA B 15 -4.87 -18.33 -4.56
N SER B 16 -6.21 -18.22 -4.50
CA SER B 16 -7.14 -19.38 -4.43
C SER B 16 -7.59 -19.86 -5.78
N GLY B 17 -7.27 -19.09 -6.82
CA GLY B 17 -7.73 -19.39 -8.21
C GLY B 17 -9.26 -19.30 -8.40
N THR B 18 -9.88 -18.44 -7.62
CA THR B 18 -11.31 -18.22 -7.71
C THR B 18 -11.42 -16.80 -8.20
N THR B 19 -12.68 -16.35 -8.34
CA THR B 19 -13.06 -15.06 -8.90
C THR B 19 -13.02 -13.99 -7.85
N ARG B 20 -12.67 -12.80 -8.29
CA ARG B 20 -12.78 -11.61 -7.43
C ARG B 20 -14.19 -11.38 -6.92
N GLU B 21 -15.16 -11.63 -7.79
CA GLU B 21 -16.60 -11.37 -7.52
C GLU B 21 -16.99 -12.20 -6.34
N GLU B 22 -16.76 -13.49 -6.53
CA GLU B 22 -17.05 -14.50 -5.53
C GLU B 22 -16.44 -14.20 -4.11
N VAL B 23 -15.19 -13.73 -4.09
CA VAL B 23 -14.52 -13.50 -2.83
C VAL B 23 -15.06 -12.24 -2.18
N LYS B 24 -15.32 -11.22 -2.98
CA LYS B 24 -15.87 -9.97 -2.43
C LYS B 24 -17.27 -10.19 -1.93
N GLU B 25 -17.97 -11.06 -2.61
CA GLU B 25 -19.28 -11.38 -2.17
C GLU B 25 -19.21 -12.07 -0.80
N LYS B 26 -18.28 -13.02 -0.67
CA LYS B 26 -18.20 -13.73 0.60
C LYS B 26 -17.74 -12.77 1.70
N PHE B 27 -16.81 -11.88 1.36
CA PHE B 27 -16.36 -10.90 2.32
C PHE B 27 -17.59 -10.26 2.92
N LEU B 28 -18.45 -9.71 2.06
CA LEU B 28 -19.71 -9.08 2.52
C LEU B 28 -20.67 -9.99 3.27
N LYS B 29 -20.92 -11.19 2.73
CA LYS B 29 -21.69 -12.21 3.45
C LYS B 29 -21.18 -12.32 4.92
N GLU B 30 -19.88 -12.59 5.08
CA GLU B 30 -19.30 -12.82 6.41
C GLU B 30 -19.38 -11.58 7.32
N LEU B 31 -19.13 -10.44 6.71
CA LEU B 31 -19.14 -9.19 7.44
C LEU B 31 -20.54 -8.88 8.02
N ARG B 32 -21.55 -9.20 7.20
CA ARG B 32 -22.99 -9.12 7.54
C ARG B 32 -23.43 -10.12 8.63
N LYS B 33 -22.57 -11.10 8.94
CA LYS B 33 -22.70 -11.93 10.15
C LYS B 33 -22.07 -11.25 11.37
N GLY B 34 -21.46 -10.09 11.13
CA GLY B 34 -20.88 -9.29 12.24
C GLY B 34 -19.45 -9.64 12.64
N LYS B 35 -18.67 -10.09 11.67
CA LYS B 35 -17.25 -10.35 11.87
C LYS B 35 -16.49 -9.15 11.41
N SER B 36 -15.36 -8.90 12.05
CA SER B 36 -14.50 -7.82 11.65
C SER B 36 -13.88 -8.19 10.30
N PRO B 37 -13.66 -7.20 9.47
CA PRO B 37 -12.92 -7.36 8.21
C PRO B 37 -11.62 -8.14 8.34
N THR B 38 -10.87 -7.92 9.38
CA THR B 38 -9.65 -8.65 9.54
C THR B 38 -9.91 -10.12 9.76
N GLU B 39 -10.85 -10.42 10.63
CA GLU B 39 -11.20 -11.82 10.92
C GLU B 39 -11.64 -12.57 9.66
N VAL B 40 -12.43 -11.89 8.86
CA VAL B 40 -12.96 -12.41 7.65
C VAL B 40 -11.81 -12.62 6.66
N LEU B 41 -10.94 -11.64 6.59
CA LEU B 41 -9.80 -11.75 5.71
C LEU B 41 -8.99 -12.97 6.04
N LEU B 42 -8.83 -13.20 7.32
CA LEU B 42 -8.03 -14.36 7.72
C LEU B 42 -8.68 -15.70 7.38
N GLU B 43 -9.99 -15.75 7.53
CA GLU B 43 -10.73 -16.98 7.13
C GLU B 43 -10.58 -17.21 5.64
N LEU B 44 -10.78 -16.15 4.87
CA LEU B 44 -10.70 -16.28 3.45
C LEU B 44 -9.33 -16.76 3.13
N ILE B 45 -8.33 -16.23 3.82
CA ILE B 45 -6.94 -16.70 3.63
C ILE B 45 -6.71 -18.18 3.99
N ALA B 46 -7.29 -18.61 5.10
CA ALA B 46 -7.27 -20.01 5.51
C ALA B 46 -7.80 -20.87 4.39
N GLU B 47 -8.94 -20.49 3.85
CA GLU B 47 -9.56 -21.33 2.83
C GLU B 47 -8.63 -21.39 1.66
N ALA B 48 -8.08 -20.25 1.24
CA ALA B 48 -7.20 -20.21 0.03
C ALA B 48 -6.04 -21.20 0.18
N SER B 49 -5.40 -21.15 1.34
CA SER B 49 -4.25 -21.98 1.66
C SER B 49 -4.64 -23.38 2.08
N GLY B 50 -5.91 -23.62 2.34
CA GLY B 50 -6.37 -24.95 2.82
C GLY B 50 -5.78 -25.33 4.17
N THR B 51 -5.80 -24.39 5.10
CA THR B 51 -5.33 -24.64 6.42
C THR B 51 -6.52 -24.32 7.31
N THR B 52 -6.31 -24.44 8.61
CA THR B 52 -7.31 -24.19 9.60
C THR B 52 -7.40 -22.69 9.87
N LYS B 53 -8.59 -22.19 10.17
CA LYS B 53 -8.82 -20.77 10.51
C LYS B 53 -8.02 -20.41 11.74
N GLU B 54 -8.11 -21.27 12.75
CA GLU B 54 -7.36 -21.14 13.99
C GLU B 54 -5.84 -21.07 13.76
N GLU B 55 -5.38 -21.80 12.77
CA GLU B 55 -3.96 -21.79 12.45
C GLU B 55 -3.47 -20.49 11.87
N VAL B 56 -4.27 -19.92 10.97
CA VAL B 56 -3.95 -18.63 10.35
C VAL B 56 -4.09 -17.47 11.38
N LYS B 57 -5.07 -17.51 12.26
CA LYS B 57 -5.09 -16.52 13.27
C LYS B 57 -3.92 -16.64 14.24
N GLU B 58 -3.31 -17.80 14.45
CA GLU B 58 -2.22 -17.89 15.41
C GLU B 58 -1.01 -17.34 14.71
N LYS B 59 -0.88 -17.66 13.44
CA LYS B 59 0.26 -17.15 12.64
C LYS B 59 0.21 -15.57 12.52
N PHE B 60 -0.99 -15.02 12.33
CA PHE B 60 -1.23 -13.57 12.33
C PHE B 60 -0.80 -12.98 13.69
N LEU B 61 -1.33 -13.51 14.78
CA LEU B 61 -0.96 -13.05 16.09
C LEU B 61 0.54 -13.11 16.28
N LYS B 62 1.20 -14.09 15.69
CA LYS B 62 2.63 -14.20 15.91
C LYS B 62 3.42 -13.13 15.07
N GLU B 63 3.09 -13.00 13.79
CA GLU B 63 3.80 -12.03 12.95
C GLU B 63 3.62 -10.59 13.52
N LEU B 64 2.44 -10.40 14.08
CA LEU B 64 2.03 -9.15 14.67
C LEU B 64 3.02 -8.80 15.77
N SER B 65 3.40 -9.79 16.58
CA SER B 65 4.31 -9.57 17.72
C SER B 65 5.79 -9.45 17.30
N PHE B 66 6.08 -9.72 16.04
CA PHE B 66 7.33 -9.32 15.44
C PHE B 66 7.35 -7.88 14.93
N GLY B 67 6.35 -7.07 15.25
CA GLY B 67 6.43 -5.63 14.93
C GLY B 67 5.87 -5.24 13.57
N LYS B 68 5.17 -6.17 12.92
CA LYS B 68 4.74 -5.98 11.53
C LYS B 68 3.34 -5.60 11.55
N SER B 69 2.97 -4.80 10.56
CA SER B 69 1.66 -4.21 10.50
C SER B 69 0.65 -5.30 10.01
N PRO B 70 -0.60 -5.18 10.45
CA PRO B 70 -1.59 -6.17 9.97
C PRO B 70 -1.56 -6.36 8.46
N THR B 71 -1.27 -5.30 7.69
CA THR B 71 -1.37 -5.33 6.22
C THR B 71 -0.23 -6.14 5.68
N GLU B 72 0.89 -5.80 6.24
CA GLU B 72 2.12 -6.52 5.96
C GLU B 72 1.95 -7.99 6.25
N VAL B 73 1.43 -8.32 7.42
CA VAL B 73 1.16 -9.72 7.83
C VAL B 73 0.15 -10.44 6.90
N LEU B 74 -0.93 -9.75 6.62
CA LEU B 74 -1.90 -10.29 5.72
C LEU B 74 -1.28 -10.57 4.34
N LEU B 75 -0.55 -9.59 3.83
CA LEU B 75 0.21 -9.80 2.61
C LEU B 75 1.19 -11.00 2.62
N GLU B 76 1.80 -11.23 3.78
CA GLU B 76 2.72 -12.38 3.94
C GLU B 76 1.96 -13.70 3.94
N LEU B 77 0.87 -13.68 4.68
CA LEU B 77 -0.02 -14.81 4.75
C LEU B 77 -0.55 -15.20 3.39
N ILE B 78 -0.81 -14.20 2.56
CA ILE B 78 -1.31 -14.40 1.20
C ILE B 78 -0.23 -15.04 0.35
N ALA B 79 0.98 -14.59 0.49
CA ALA B 79 2.10 -15.20 -0.20
C ALA B 79 2.28 -16.69 0.11
N GLU B 80 2.13 -17.02 1.40
CA GLU B 80 2.24 -18.43 1.84
C GLU B 80 1.16 -19.23 1.19
N ALA B 81 -0.03 -18.67 1.19
CA ALA B 81 -1.17 -19.30 0.55
C ALA B 81 -0.97 -19.57 -0.92
N SER B 82 -0.33 -18.62 -1.60
CA SER B 82 -0.07 -18.76 -3.02
C SER B 82 1.32 -19.38 -3.30
N GLY B 83 2.11 -19.59 -2.26
CA GLY B 83 3.41 -20.27 -2.38
C GLY B 83 4.47 -19.46 -3.11
N THR B 84 4.46 -18.15 -2.94
CA THR B 84 5.31 -17.21 -3.69
C THR B 84 6.09 -16.31 -2.72
N THR B 85 6.99 -15.48 -3.24
CA THR B 85 7.78 -14.58 -2.38
C THR B 85 6.86 -13.49 -1.87
N LYS B 86 7.08 -13.05 -0.63
CA LYS B 86 6.43 -11.82 -0.08
C LYS B 86 6.50 -10.64 -1.12
N GLU B 87 7.74 -10.30 -1.53
CA GLU B 87 8.06 -9.22 -2.48
C GLU B 87 7.13 -9.28 -3.67
N GLU B 88 6.89 -10.45 -4.20
CA GLU B 88 6.04 -10.50 -5.36
C GLU B 88 4.71 -9.88 -5.02
N VAL B 89 4.09 -10.37 -3.96
CA VAL B 89 2.72 -10.01 -3.54
C VAL B 89 2.63 -8.52 -3.11
N LYS B 90 3.53 -8.13 -2.21
CA LYS B 90 3.68 -6.74 -1.84
C LYS B 90 3.68 -5.84 -3.11
N LYS B 91 4.36 -6.28 -4.16
CA LYS B 91 4.60 -5.53 -5.39
C LYS B 91 3.32 -5.37 -6.21
N LYS B 92 2.55 -6.46 -6.30
CA LYS B 92 1.18 -6.45 -6.87
C LYS B 92 0.20 -5.61 -6.08
N PHE B 93 0.16 -5.82 -4.79
CA PHE B 93 -0.61 -4.94 -3.93
C PHE B 93 -0.47 -3.46 -4.36
N TRP B 94 0.76 -2.97 -4.45
CA TRP B 94 1.01 -1.53 -4.68
C TRP B 94 0.69 -1.11 -6.07
N LYS B 95 0.82 -2.03 -7.02
CA LYS B 95 0.45 -1.75 -8.40
C LYS B 95 -1.00 -1.38 -8.46
N GLU B 96 -1.79 -2.21 -7.80
CA GLU B 96 -3.23 -2.13 -7.79
C GLU B 96 -3.74 -0.95 -7.03
N LEU B 97 -2.89 -0.30 -6.26
CA LEU B 97 -3.18 1.04 -5.70
C LEU B 97 -2.31 2.15 -6.37
N SER B 98 -1.80 1.90 -7.59
CA SER B 98 -0.93 2.92 -8.18
C SER B 98 -1.81 4.07 -8.67
N LEU B 99 -1.21 5.26 -8.69
CA LEU B 99 -1.77 6.46 -9.29
C LEU B 99 -2.69 6.05 -10.41
#